data_4BMC
#
_entry.id   4BMC
#
_cell.length_a   36.670
_cell.length_b   39.270
_cell.length_c   72.120
_cell.angle_alpha   90.00
_cell.angle_beta   103.62
_cell.angle_gamma   90.00
#
_symmetry.space_group_name_H-M   'P 1 21 1'
#
loop_
_entity.id
_entity.type
_entity.pdbx_description
1 polymer 'S-M CHECKPOINT CONTROL PROTEIN RAD4'
2 non-polymer 'CHLORIDE ION'
3 water water
#
_entity_poly.entity_id   1
_entity_poly.type   'polypeptide(L)'
_entity_poly.pdbx_seq_one_letter_code
;MGSSKPLKGFVICCTSIDLKQRTEISTKATKLGAAYRSDFTKDVTHLIAGDFDTPKYKFAAKSRPDIKIMSSEWIPVLYE
SWVQGEDLDDGLLVDKHLLPTLFKCRVCLTNIGQPERSRIENYVLKHGGTFCPDLTRDVTHLIAGTSSGRKYEYALKWKI
NVVCVEWLWQSIQRNAVLEPQYFQLD
;
_entity_poly.pdbx_strand_id   A
#
# COMPACT_ATOMS: atom_id res chain seq x y z
N SER A 4 -5.88 29.96 10.10
CA SER A 4 -5.15 29.08 9.20
C SER A 4 -5.72 27.66 9.24
N LYS A 5 -6.38 27.26 8.15
CA LYS A 5 -6.89 25.92 8.02
C LYS A 5 -6.36 25.27 6.74
N PRO A 6 -5.12 24.78 6.78
CA PRO A 6 -4.43 24.20 5.62
C PRO A 6 -5.18 23.04 4.97
N LEU A 7 -5.73 22.15 5.79
CA LEU A 7 -6.36 20.94 5.27
C LEU A 7 -7.87 21.07 5.09
N LYS A 8 -8.33 22.26 4.73
CA LYS A 8 -9.74 22.48 4.44
C LYS A 8 -10.13 21.65 3.21
N GLY A 9 -11.20 20.87 3.35
CA GLY A 9 -11.67 20.05 2.25
C GLY A 9 -11.20 18.60 2.34
N PHE A 10 -10.17 18.37 3.17
CA PHE A 10 -9.64 17.03 3.36
C PHE A 10 -10.53 16.19 4.28
N VAL A 11 -10.79 14.96 3.88
CA VAL A 11 -11.50 14.00 4.71
C VAL A 11 -10.61 12.77 4.87
N ILE A 12 -10.17 12.51 6.10
CA ILE A 12 -9.15 11.50 6.37
C ILE A 12 -9.68 10.27 7.09
N CYS A 13 -9.24 9.10 6.64
CA CYS A 13 -9.59 7.83 7.27
C CYS A 13 -8.34 6.98 7.45
N CYS A 14 -8.32 6.15 8.49
CA CYS A 14 -7.15 5.32 8.77
C CYS A 14 -7.45 3.82 8.65
N THR A 15 -6.42 3.05 8.32
CA THR A 15 -6.49 1.60 8.33
C THR A 15 -5.14 1.00 8.71
N SER A 16 -5.18 -0.07 9.50
CA SER A 16 -3.97 -0.70 10.03
C SER A 16 -3.08 0.29 10.77
N ILE A 17 -3.70 1.16 11.56
CA ILE A 17 -2.98 2.12 12.39
C ILE A 17 -3.32 1.86 13.86
N ASP A 18 -2.30 1.84 14.72
CA ASP A 18 -2.52 1.63 16.15
C ASP A 18 -3.26 2.80 16.79
N LEU A 19 -4.06 2.50 17.82
CA LEU A 19 -4.94 3.48 18.44
C LEU A 19 -4.22 4.76 18.89
N LYS A 20 -3.01 4.59 19.43
CA LYS A 20 -2.24 5.73 19.91
C LYS A 20 -1.89 6.70 18.79
N GLN A 21 -1.34 6.17 17.70
CA GLN A 21 -1.01 7.01 16.55
C GLN A 21 -2.28 7.51 15.85
N ARG A 22 -3.33 6.68 15.88
CA ARG A 22 -4.59 7.04 15.25
C ARG A 22 -5.20 8.26 15.93
N THR A 23 -5.13 8.28 17.26
CA THR A 23 -5.63 9.41 18.03
C THR A 23 -4.81 10.66 17.72
N GLU A 24 -3.50 10.49 17.65
CA GLU A 24 -2.59 11.57 17.32
C GLU A 24 -2.92 12.14 15.94
N ILE A 25 -3.18 11.25 14.99
CA ILE A 25 -3.50 11.65 13.63
C ILE A 25 -4.81 12.41 13.55
N SER A 26 -5.86 11.87 14.16
CA SER A 26 -7.17 12.52 14.16
C SER A 26 -7.12 13.90 14.83
N THR A 27 -6.38 13.99 15.92
CA THR A 27 -6.22 15.25 16.64
C THR A 27 -5.54 16.31 15.79
N LYS A 28 -4.37 15.97 15.26
CA LYS A 28 -3.59 16.91 14.46
C LYS A 28 -4.27 17.26 13.14
N ALA A 29 -4.90 16.28 12.52
CA ALA A 29 -5.61 16.50 11.26
C ALA A 29 -6.75 17.49 11.45
N THR A 30 -7.47 17.34 12.55
CA THR A 30 -8.57 18.24 12.87
C THR A 30 -8.07 19.65 13.13
N LYS A 31 -6.94 19.75 13.83
CA LYS A 31 -6.30 21.04 14.07
C LYS A 31 -5.92 21.70 12.76
N LEU A 32 -5.45 20.89 11.80
CA LEU A 32 -5.08 21.39 10.48
C LEU A 32 -6.29 21.76 9.63
N GLY A 33 -7.49 21.46 10.12
CA GLY A 33 -8.71 21.86 9.45
C GLY A 33 -9.35 20.77 8.62
N ALA A 34 -8.92 19.53 8.83
CA ALA A 34 -9.46 18.40 8.08
C ALA A 34 -10.59 17.72 8.83
N ALA A 35 -11.40 16.95 8.10
CA ALA A 35 -12.43 16.12 8.71
C ALA A 35 -11.87 14.72 8.94
N TYR A 36 -12.26 14.08 10.02
CA TYR A 36 -11.82 12.73 10.31
C TYR A 36 -12.97 11.73 10.28
N ARG A 37 -12.69 10.51 9.82
CA ARG A 37 -13.69 9.46 9.75
C ARG A 37 -13.15 8.16 10.33
N SER A 38 -13.96 7.50 11.16
CA SER A 38 -13.60 6.18 11.67
C SER A 38 -13.95 5.12 10.65
N ASP A 39 -15.07 5.32 9.96
CA ASP A 39 -15.49 4.41 8.90
C ASP A 39 -15.11 4.96 7.53
N PHE A 40 -14.92 4.06 6.57
CA PHE A 40 -14.59 4.46 5.21
C PHE A 40 -15.85 4.94 4.50
N THR A 41 -16.13 6.24 4.61
CA THR A 41 -17.32 6.81 4.00
C THR A 41 -17.04 7.38 2.62
N LYS A 42 -18.10 7.78 1.92
CA LYS A 42 -17.99 8.27 0.54
C LYS A 42 -17.13 9.53 0.40
N ASP A 43 -17.20 10.42 1.39
CA ASP A 43 -16.53 11.70 1.28
C ASP A 43 -15.03 11.65 1.58
N VAL A 44 -14.53 10.47 1.96
CA VAL A 44 -13.11 10.30 2.25
C VAL A 44 -12.26 10.63 1.03
N THR A 45 -11.21 11.41 1.23
CA THR A 45 -10.31 11.84 0.16
CA THR A 45 -10.33 11.75 0.12
C THR A 45 -8.90 11.27 0.37
N HIS A 46 -8.57 10.99 1.62
CA HIS A 46 -7.23 10.48 1.95
C HIS A 46 -7.28 9.33 2.94
N LEU A 47 -6.69 8.20 2.54
CA LEU A 47 -6.64 7.02 3.39
C LEU A 47 -5.23 6.78 3.91
N ILE A 48 -5.07 6.86 5.23
CA ILE A 48 -3.78 6.61 5.85
C ILE A 48 -3.66 5.13 6.20
N ALA A 49 -2.71 4.44 5.59
CA ALA A 49 -2.64 2.98 5.68
C ALA A 49 -1.31 2.47 6.23
N GLY A 50 -1.38 1.43 7.05
CA GLY A 50 -0.19 0.79 7.58
C GLY A 50 0.01 -0.60 7.01
N ASP A 51 -0.91 -1.01 6.14
CA ASP A 51 -0.86 -2.33 5.52
C ASP A 51 -1.80 -2.33 4.31
N PHE A 52 -1.63 -3.31 3.43
CA PHE A 52 -2.52 -3.46 2.28
C PHE A 52 -3.60 -4.50 2.59
N ASP A 53 -3.34 -5.32 3.59
CA ASP A 53 -4.19 -6.46 3.89
C ASP A 53 -5.31 -6.10 4.87
N THR A 54 -6.20 -5.21 4.43
CA THR A 54 -7.35 -4.81 5.24
C THR A 54 -8.55 -4.59 4.31
N PRO A 55 -9.78 -4.73 4.85
CA PRO A 55 -10.99 -4.41 4.09
C PRO A 55 -10.99 -2.99 3.52
N LYS A 56 -10.52 -2.03 4.31
CA LYS A 56 -10.49 -0.62 3.87
C LYS A 56 -9.56 -0.40 2.70
N TYR A 57 -8.35 -0.96 2.76
CA TYR A 57 -7.40 -0.82 1.67
C TYR A 57 -7.95 -1.46 0.40
N LYS A 58 -8.49 -2.66 0.55
CA LYS A 58 -9.03 -3.41 -0.58
C LYS A 58 -10.17 -2.66 -1.25
N PHE A 59 -11.00 -2.01 -0.45
CA PHE A 59 -12.09 -1.19 -0.97
C PHE A 59 -11.56 -0.05 -1.82
N ALA A 60 -10.57 0.67 -1.27
CA ALA A 60 -9.96 1.80 -1.96
C ALA A 60 -9.27 1.36 -3.25
N ALA A 61 -8.65 0.19 -3.21
CA ALA A 61 -7.92 -0.33 -4.38
C ALA A 61 -8.86 -0.64 -5.54
N LYS A 62 -10.01 -1.23 -5.24
CA LYS A 62 -10.89 -1.69 -6.30
C LYS A 62 -11.99 -0.71 -6.71
N SER A 63 -12.31 0.25 -5.84
N SER A 63 -12.31 0.25 -5.84
CA SER A 63 -13.48 1.11 -6.08
CA SER A 63 -13.47 1.11 -6.08
C SER A 63 -13.22 2.61 -5.95
C SER A 63 -13.23 2.61 -5.93
N ARG A 64 -12.08 3.00 -5.39
CA ARG A 64 -11.81 4.42 -5.17
C ARG A 64 -10.47 4.91 -5.73
N PRO A 65 -10.34 4.97 -7.06
CA PRO A 65 -9.09 5.40 -7.69
C PRO A 65 -8.73 6.86 -7.40
N ASP A 66 -9.73 7.63 -6.98
CA ASP A 66 -9.54 9.06 -6.72
C ASP A 66 -8.89 9.35 -5.36
N ILE A 67 -8.89 8.35 -4.49
CA ILE A 67 -8.40 8.53 -3.12
C ILE A 67 -6.89 8.35 -3.01
N LYS A 68 -6.25 9.27 -2.29
CA LYS A 68 -4.81 9.20 -2.07
C LYS A 68 -4.51 8.30 -0.88
N ILE A 69 -3.67 7.30 -1.11
CA ILE A 69 -3.25 6.40 -0.05
C ILE A 69 -1.98 6.92 0.61
N MET A 70 -2.07 7.31 1.88
CA MET A 70 -1.00 8.04 2.56
C MET A 70 -0.27 7.22 3.61
N SER A 71 0.98 7.57 3.85
CA SER A 71 1.78 6.91 4.88
C SER A 71 1.38 7.44 6.25
N SER A 72 1.74 6.69 7.29
CA SER A 72 1.38 7.05 8.66
C SER A 72 2.10 8.30 9.16
N GLU A 73 3.18 8.68 8.49
CA GLU A 73 4.00 9.79 8.96
C GLU A 73 3.64 11.13 8.32
N TRP A 74 2.70 11.10 7.38
CA TRP A 74 2.27 12.31 6.67
C TRP A 74 1.78 13.42 7.61
N ILE A 75 0.71 13.13 8.34
CA ILE A 75 0.11 14.11 9.25
C ILE A 75 1.05 14.62 10.36
N PRO A 76 1.76 13.73 11.08
CA PRO A 76 2.66 14.23 12.12
C PRO A 76 3.74 15.17 11.59
N VAL A 77 4.23 14.89 10.39
CA VAL A 77 5.25 15.72 9.77
C VAL A 77 4.67 17.04 9.29
N LEU A 78 3.51 16.99 8.63
CA LEU A 78 2.83 18.18 8.16
C LEU A 78 2.47 19.11 9.32
N TYR A 79 2.02 18.52 10.43
CA TYR A 79 1.64 19.30 11.61
C TYR A 79 2.85 20.02 12.22
N GLU A 80 3.96 19.30 12.35
CA GLU A 80 5.16 19.88 12.93
CA GLU A 80 5.17 19.88 12.93
C GLU A 80 5.67 21.04 12.09
N SER A 81 5.60 20.89 10.77
CA SER A 81 6.04 21.94 9.85
C SER A 81 5.12 23.16 9.95
N TRP A 82 3.85 22.91 10.23
CA TRP A 82 2.87 23.97 10.40
C TRP A 82 3.22 24.80 11.64
N VAL A 83 3.38 24.12 12.77
CA VAL A 83 3.66 24.76 14.05
C VAL A 83 5.00 25.50 14.03
N GLN A 84 5.98 24.93 13.34
CA GLN A 84 7.30 25.56 13.24
C GLN A 84 7.31 26.77 12.31
N GLY A 85 6.14 27.23 11.91
CA GLY A 85 5.99 28.46 11.15
C GLY A 85 6.44 28.38 9.70
N GLU A 86 6.76 27.17 9.24
CA GLU A 86 7.18 26.98 7.86
C GLU A 86 6.03 27.25 6.89
N ASP A 87 6.34 27.88 5.76
CA ASP A 87 5.33 28.17 4.76
C ASP A 87 4.88 26.90 4.05
N LEU A 88 3.61 26.54 4.23
CA LEU A 88 3.06 25.35 3.61
C LEU A 88 2.68 25.62 2.17
N ASP A 89 3.40 25.00 1.24
CA ASP A 89 3.15 25.19 -0.18
C ASP A 89 1.94 24.41 -0.65
N ASP A 90 1.45 24.75 -1.84
CA ASP A 90 0.35 24.01 -2.46
C ASP A 90 0.82 22.59 -2.76
N GLY A 91 0.22 21.63 -2.07
CA GLY A 91 0.63 20.24 -2.18
C GLY A 91 0.54 19.58 -0.81
N LEU A 92 0.91 20.35 0.21
CA LEU A 92 0.74 19.92 1.61
C LEU A 92 1.48 18.62 1.93
N LEU A 93 2.64 18.45 1.31
CA LEU A 93 3.51 17.29 1.53
C LEU A 93 2.87 15.95 1.14
N VAL A 94 1.81 16.01 0.35
CA VAL A 94 1.10 14.79 -0.06
C VAL A 94 1.99 13.89 -0.91
N ASP A 95 2.55 14.47 -1.97
CA ASP A 95 3.38 13.71 -2.91
C ASP A 95 4.59 13.04 -2.24
N LYS A 96 5.16 13.71 -1.25
CA LYS A 96 6.31 13.17 -0.54
C LYS A 96 5.91 12.01 0.37
N HIS A 97 4.66 12.01 0.82
CA HIS A 97 4.21 11.00 1.77
C HIS A 97 3.16 10.05 1.23
N LEU A 98 3.08 9.93 -0.10
CA LEU A 98 2.26 8.90 -0.71
C LEU A 98 2.83 7.53 -0.32
N LEU A 99 1.96 6.61 0.05
CA LEU A 99 2.38 5.27 0.42
C LEU A 99 2.95 4.58 -0.81
N PRO A 100 4.12 3.95 -0.68
CA PRO A 100 4.71 3.19 -1.78
C PRO A 100 3.72 2.13 -2.26
N THR A 101 3.64 1.91 -3.57
CA THR A 101 2.67 0.99 -4.14
C THR A 101 2.75 -0.41 -3.53
N LEU A 102 3.97 -0.94 -3.42
CA LEU A 102 4.15 -2.27 -2.86
C LEU A 102 4.62 -2.25 -1.41
N PHE A 103 4.16 -1.25 -0.67
CA PHE A 103 4.43 -1.16 0.76
C PHE A 103 4.04 -2.47 1.48
N LYS A 104 4.98 -3.02 2.23
CA LYS A 104 4.79 -4.27 2.99
C LYS A 104 4.64 -5.55 2.17
N CYS A 105 4.78 -5.45 0.84
CA CYS A 105 4.78 -6.64 0.01
C CYS A 105 6.13 -7.34 0.08
N ARG A 106 6.11 -8.65 0.24
CA ARG A 106 7.33 -9.44 0.25
C ARG A 106 7.22 -10.50 -0.83
N VAL A 107 7.92 -10.28 -1.94
CA VAL A 107 7.70 -11.02 -3.18
C VAL A 107 8.75 -12.10 -3.45
N CYS A 108 8.28 -13.32 -3.63
CA CYS A 108 9.15 -14.45 -3.97
C CYS A 108 8.73 -14.98 -5.34
N LEU A 109 9.66 -15.63 -6.05
CA LEU A 109 9.37 -16.15 -7.38
C LEU A 109 9.61 -17.65 -7.49
N THR A 110 8.89 -18.29 -8.41
CA THR A 110 9.16 -19.69 -8.75
C THR A 110 8.76 -19.97 -10.20
N ASN A 111 9.48 -20.89 -10.84
CA ASN A 111 9.25 -21.25 -12.24
C ASN A 111 9.36 -20.05 -13.16
N ILE A 112 10.31 -19.17 -12.85
CA ILE A 112 10.55 -17.98 -13.65
C ILE A 112 12.03 -17.87 -13.99
N GLY A 113 12.35 -17.74 -15.27
CA GLY A 113 13.73 -17.71 -15.71
C GLY A 113 14.30 -16.31 -15.85
N GLN A 114 15.54 -16.24 -16.29
CA GLN A 114 16.19 -14.96 -16.58
C GLN A 114 15.97 -14.63 -18.06
N PRO A 115 15.91 -13.33 -18.38
CA PRO A 115 16.06 -12.20 -17.49
C PRO A 115 14.75 -11.72 -16.88
N GLU A 116 13.70 -12.52 -16.95
CA GLU A 116 12.42 -12.15 -16.35
C GLU A 116 12.58 -11.92 -14.85
N ARG A 117 13.30 -12.84 -14.20
CA ARG A 117 13.54 -12.77 -12.77
C ARG A 117 14.25 -11.47 -12.35
N SER A 118 15.25 -11.07 -13.11
CA SER A 118 15.99 -9.85 -12.84
CA SER A 118 15.98 -9.85 -12.84
C SER A 118 15.11 -8.61 -13.03
N ARG A 119 14.29 -8.64 -14.07
CA ARG A 119 13.40 -7.50 -14.35
C ARG A 119 12.31 -7.35 -13.28
N ILE A 120 11.76 -8.47 -12.83
CA ILE A 120 10.74 -8.42 -11.79
C ILE A 120 11.29 -7.82 -10.49
N GLU A 121 12.45 -8.29 -10.06
CA GLU A 121 13.11 -7.76 -8.87
C GLU A 121 13.33 -6.25 -9.00
N ASN A 122 13.71 -5.81 -10.19
CA ASN A 122 13.90 -4.40 -10.48
C ASN A 122 12.67 -3.54 -10.16
N TYR A 123 11.51 -4.00 -10.63
CA TYR A 123 10.27 -3.25 -10.45
C TYR A 123 9.72 -3.37 -9.03
N VAL A 124 9.96 -4.50 -8.38
CA VAL A 124 9.57 -4.67 -6.98
C VAL A 124 10.29 -3.67 -6.08
N LEU A 125 11.60 -3.57 -6.23
CA LEU A 125 12.41 -2.65 -5.44
C LEU A 125 12.04 -1.20 -5.74
N LYS A 126 11.86 -0.90 -7.03
CA LYS A 126 11.54 0.45 -7.48
C LYS A 126 10.24 0.96 -6.86
N HIS A 127 9.31 0.05 -6.61
CA HIS A 127 7.99 0.44 -6.12
C HIS A 127 7.74 0.12 -4.65
N GLY A 128 8.81 0.06 -3.86
CA GLY A 128 8.70 -0.01 -2.41
C GLY A 128 8.49 -1.39 -1.81
N GLY A 129 8.70 -2.44 -2.59
CA GLY A 129 8.50 -3.79 -2.11
C GLY A 129 9.81 -4.44 -1.70
N THR A 130 9.70 -5.64 -1.12
CA THR A 130 10.87 -6.41 -0.72
C THR A 130 10.95 -7.68 -1.55
N PHE A 131 12.13 -7.99 -2.06
CA PHE A 131 12.34 -9.21 -2.84
C PHE A 131 12.91 -10.31 -1.95
N CYS A 132 12.34 -11.51 -2.08
CA CYS A 132 12.72 -12.64 -1.24
C CYS A 132 13.15 -13.84 -2.10
N PRO A 133 14.47 -14.06 -2.23
CA PRO A 133 15.02 -15.16 -3.04
C PRO A 133 14.50 -16.53 -2.62
N ASP A 134 14.47 -16.80 -1.31
CA ASP A 134 13.89 -18.05 -0.81
C ASP A 134 12.53 -17.80 -0.15
N LEU A 135 11.68 -18.82 -0.16
CA LEU A 135 10.33 -18.68 0.38
C LEU A 135 10.32 -18.85 1.89
N THR A 136 9.76 -17.86 2.59
CA THR A 136 9.55 -17.95 4.03
C THR A 136 8.08 -17.73 4.36
N ARG A 137 7.73 -17.88 5.62
CA ARG A 137 6.32 -17.78 6.03
CA ARG A 137 6.33 -17.78 6.05
C ARG A 137 5.80 -16.34 6.04
N ASP A 138 6.70 -15.36 5.99
CA ASP A 138 6.26 -13.97 5.95
C ASP A 138 6.20 -13.39 4.54
N VAL A 139 6.48 -14.22 3.55
CA VAL A 139 6.29 -13.83 2.14
C VAL A 139 4.81 -13.56 1.89
N THR A 140 4.50 -12.48 1.19
CA THR A 140 3.12 -12.08 0.97
C THR A 140 2.59 -12.51 -0.39
N HIS A 141 3.47 -12.55 -1.39
CA HIS A 141 3.08 -12.94 -2.74
C HIS A 141 4.14 -13.84 -3.38
N LEU A 142 3.70 -15.00 -3.84
CA LEU A 142 4.55 -15.86 -4.66
C LEU A 142 4.14 -15.71 -6.12
N ILE A 143 5.02 -15.14 -6.93
CA ILE A 143 4.77 -15.03 -8.36
C ILE A 143 5.28 -16.31 -9.01
N ALA A 144 4.37 -17.05 -9.64
CA ALA A 144 4.68 -18.38 -10.16
C ALA A 144 4.44 -18.47 -11.66
N GLY A 145 5.38 -19.11 -12.37
CA GLY A 145 5.22 -19.35 -13.79
C GLY A 145 4.25 -20.50 -14.03
N THR A 146 4.39 -21.56 -13.25
N THR A 146 4.37 -21.56 -13.23
CA THR A 146 3.47 -22.70 -13.30
CA THR A 146 3.50 -22.71 -13.31
C THR A 146 3.08 -23.13 -11.90
C THR A 146 3.13 -23.19 -11.92
N SER A 147 2.03 -23.94 -11.81
CA SER A 147 1.54 -24.41 -10.52
C SER A 147 2.18 -25.73 -10.09
N SER A 148 3.50 -25.72 -9.92
CA SER A 148 4.20 -26.93 -9.49
C SER A 148 5.53 -26.60 -8.82
N GLY A 149 6.08 -27.57 -8.09
CA GLY A 149 7.36 -27.40 -7.43
C GLY A 149 7.26 -27.22 -5.93
N ARG A 150 8.39 -27.18 -5.26
CA ARG A 150 8.44 -27.08 -3.80
C ARG A 150 7.88 -25.77 -3.26
N LYS A 151 8.26 -24.65 -3.86
CA LYS A 151 7.80 -23.34 -3.41
C LYS A 151 6.29 -23.21 -3.54
N TYR A 152 5.75 -23.61 -4.68
CA TYR A 152 4.32 -23.56 -4.93
C TYR A 152 3.53 -24.37 -3.90
N GLU A 153 4.00 -25.57 -3.62
CA GLU A 153 3.33 -26.44 -2.66
C GLU A 153 3.36 -25.88 -1.23
N TYR A 154 4.51 -25.34 -0.84
CA TYR A 154 4.64 -24.72 0.48
C TYR A 154 3.80 -23.45 0.56
N ALA A 155 3.64 -22.77 -0.57
CA ALA A 155 2.83 -21.56 -0.63
C ALA A 155 1.37 -21.86 -0.37
N LEU A 156 0.87 -22.94 -0.98
CA LEU A 156 -0.53 -23.34 -0.79
C LEU A 156 -0.74 -23.80 0.64
N LYS A 157 0.19 -24.62 1.13
CA LYS A 157 0.12 -25.16 2.48
C LYS A 157 0.11 -24.05 3.54
N TRP A 158 0.82 -22.96 3.27
CA TRP A 158 0.93 -21.86 4.22
C TRP A 158 -0.06 -20.75 3.95
N LYS A 159 -0.92 -20.94 2.95
CA LYS A 159 -1.93 -19.96 2.57
C LYS A 159 -1.32 -18.62 2.15
N ILE A 160 -0.22 -18.70 1.40
CA ILE A 160 0.42 -17.51 0.82
C ILE A 160 -0.15 -17.28 -0.57
N ASN A 161 -0.46 -16.02 -0.88
CA ASN A 161 -0.96 -15.64 -2.21
C ASN A 161 -0.07 -16.17 -3.34
N VAL A 162 -0.68 -16.86 -4.30
CA VAL A 162 0.04 -17.30 -5.49
C VAL A 162 -0.57 -16.63 -6.72
N VAL A 163 0.23 -15.82 -7.41
CA VAL A 163 -0.28 -15.00 -8.51
C VAL A 163 0.60 -15.11 -9.74
N CYS A 164 0.03 -14.79 -10.90
CA CYS A 164 0.82 -14.65 -12.12
C CYS A 164 1.45 -13.25 -12.15
N VAL A 165 2.42 -13.05 -13.03
CA VAL A 165 3.19 -11.81 -13.04
C VAL A 165 2.33 -10.58 -13.30
N GLU A 166 1.17 -10.78 -13.94
CA GLU A 166 0.24 -9.70 -14.23
C GLU A 166 -0.24 -8.98 -12.96
N TRP A 167 -0.24 -9.68 -11.82
CA TRP A 167 -0.54 -9.04 -10.55
C TRP A 167 0.40 -7.86 -10.32
N LEU A 168 1.69 -8.10 -10.51
CA LEU A 168 2.70 -7.06 -10.36
C LEU A 168 2.50 -5.88 -11.30
N TRP A 169 2.29 -6.17 -12.59
CA TRP A 169 2.18 -5.10 -13.58
C TRP A 169 0.96 -4.23 -13.36
N GLN A 170 -0.15 -4.83 -12.98
CA GLN A 170 -1.38 -4.08 -12.84
CA GLN A 170 -1.42 -4.13 -12.80
C GLN A 170 -1.48 -3.37 -11.48
N SER A 171 -0.82 -3.93 -10.47
CA SER A 171 -0.70 -3.24 -9.18
C SER A 171 0.07 -1.94 -9.38
N ILE A 172 1.13 -2.02 -10.18
CA ILE A 172 1.95 -0.85 -10.48
C ILE A 172 1.16 0.21 -11.25
N GLN A 173 0.44 -0.22 -12.27
CA GLN A 173 -0.40 0.67 -13.06
C GLN A 173 -1.45 1.38 -12.19
N ARG A 174 -2.05 0.62 -11.28
CA ARG A 174 -3.10 1.11 -10.40
C ARG A 174 -2.56 1.98 -9.26
N ASN A 175 -1.27 1.84 -8.96
CA ASN A 175 -0.64 2.51 -7.81
C ASN A 175 -1.20 2.01 -6.47
N ALA A 176 -1.57 0.73 -6.45
CA ALA A 176 -2.06 0.09 -5.24
C ALA A 176 -1.99 -1.42 -5.42
N VAL A 177 -1.89 -2.15 -4.32
CA VAL A 177 -1.87 -3.61 -4.37
C VAL A 177 -3.25 -4.14 -4.71
N LEU A 178 -3.32 -4.99 -5.73
CA LEU A 178 -4.58 -5.61 -6.12
C LEU A 178 -4.74 -6.97 -5.46
N GLU A 179 -5.99 -7.41 -5.32
CA GLU A 179 -6.29 -8.69 -4.70
C GLU A 179 -5.84 -9.87 -5.55
N PRO A 180 -5.44 -10.98 -4.90
CA PRO A 180 -4.79 -12.10 -5.58
C PRO A 180 -5.67 -12.95 -6.50
N GLN A 181 -6.96 -13.09 -6.20
CA GLN A 181 -7.82 -14.00 -6.97
C GLN A 181 -7.99 -13.55 -8.43
N TYR A 182 -7.82 -12.26 -8.67
CA TYR A 182 -7.87 -11.71 -10.02
C TYR A 182 -6.69 -12.14 -10.88
N PHE A 183 -5.68 -12.74 -10.24
CA PHE A 183 -4.45 -13.10 -10.93
C PHE A 183 -4.04 -14.54 -10.65
N GLN A 184 -5.03 -15.38 -10.40
CA GLN A 184 -4.81 -16.80 -10.12
C GLN A 184 -4.28 -17.52 -11.35
N LEU A 185 -3.51 -18.59 -11.12
CA LEU A 185 -3.00 -19.40 -12.21
C LEU A 185 -4.13 -20.22 -12.82
N ASP A 186 -4.04 -20.48 -14.12
CA ASP A 186 -5.05 -21.28 -14.82
C ASP A 186 -4.63 -22.74 -14.88
#